data_8SWT
#
_entry.id   8SWT
#
_cell.length_a   79.424
_cell.length_b   79.424
_cell.length_c   166.310
_cell.angle_alpha   90.00
_cell.angle_beta   90.00
_cell.angle_gamma   120.00
#
_symmetry.space_group_name_H-M   'P 63'
#
loop_
_entity.id
_entity.type
_entity.pdbx_description
1 polymer 'Purine nucleoside phosphorylase'
2 non-polymer 1,4-DIDEOXY-4-AZA-1-(S)-(9-DEAZAHYPOXANTHIN-9-YL)-D-RIBITOL
3 non-polymer 'SULFATE ION'
4 water water
#
_entity_poly.entity_id   1
_entity_poly.type   'polypeptide(L)'
_entity_poly.pdbx_seq_one_letter_code
;MHHHHHHSSGVDLGTENLYFQSMMAMLEKIQETAAFLKGKMHTSPETAIILGTGLGSLANEITEKYEIKYEDIPNFPVST
VEGHSGKLIFGKLGNKEIMAMQGRFHYYEGYSMKEVTFPVRVMRELGIKTLFVSNASGGTNPEFEIGDLMIITDHINYFP
EHPLRGKNIPYGPRFPDMSEAYDKELIRKADAIAAEKGIKVQHGIYIGTQGPTFETPAEYKLFHILGADAVGMSTVPEVI
VANHCGIKVFGISVVTDLGVEGKIVEVSHEEVQKAADAAQPKMTTIMRELINRA
;
_entity_poly.pdbx_strand_id   A,B
#
loop_
_chem_comp.id
_chem_comp.type
_chem_comp.name
_chem_comp.formula
IMH non-polymer 1,4-DIDEOXY-4-AZA-1-(S)-(9-DEAZAHYPOXANTHIN-9-YL)-D-RIBITOL 'C11 H14 N4 O4'
SO4 non-polymer 'SULFATE ION' 'O4 S -2'
#
# COMPACT_ATOMS: atom_id res chain seq x y z
N ASN A 17 6.20 -46.49 -8.94
CA ASN A 17 7.17 -47.35 -8.27
C ASN A 17 8.01 -46.55 -7.28
N LEU A 18 9.14 -46.00 -7.74
CA LEU A 18 10.06 -45.35 -6.80
C LEU A 18 9.42 -44.10 -6.18
N TYR A 19 8.72 -43.31 -7.00
CA TYR A 19 8.07 -42.07 -6.54
C TYR A 19 6.98 -42.41 -5.54
N PHE A 20 6.28 -43.52 -5.79
CA PHE A 20 5.24 -43.98 -4.87
C PHE A 20 5.81 -44.45 -3.55
N GLN A 21 6.83 -45.31 -3.59
CA GLN A 21 7.40 -45.79 -2.34
C GLN A 21 7.96 -44.60 -1.53
N SER A 22 8.52 -43.62 -2.23
CA SER A 22 8.97 -42.41 -1.56
C SER A 22 7.84 -41.73 -0.81
N MET A 23 6.69 -41.59 -1.47
CA MET A 23 5.54 -40.94 -0.85
C MET A 23 5.02 -41.75 0.32
N MET A 24 4.95 -43.05 0.14
CA MET A 24 4.48 -43.93 1.22
C MET A 24 5.37 -43.76 2.44
N ALA A 25 6.68 -43.73 2.22
CA ALA A 25 7.60 -43.58 3.34
C ALA A 25 7.44 -42.24 4.03
N MET A 26 7.17 -41.19 3.25
CA MET A 26 6.92 -39.88 3.82
CA MET A 26 6.94 -39.89 3.84
C MET A 26 5.62 -39.87 4.63
N LEU A 27 4.56 -40.51 4.12
CA LEU A 27 3.33 -40.57 4.90
C LEU A 27 3.58 -41.28 6.24
N GLU A 28 4.38 -42.36 6.21
CA GLU A 28 4.70 -43.07 7.45
C GLU A 28 5.41 -42.18 8.44
N LYS A 29 6.36 -41.36 7.96
CA LYS A 29 7.11 -40.47 8.84
C LYS A 29 6.20 -39.37 9.39
N ILE A 30 5.32 -38.81 8.57
CA ILE A 30 4.40 -37.79 9.05
C ILE A 30 3.55 -38.34 10.17
N GLN A 31 3.00 -39.56 9.97
CA GLN A 31 2.13 -40.12 11.01
C GLN A 31 2.92 -40.43 12.28
N GLU A 32 4.16 -40.94 12.15
CA GLU A 32 4.95 -41.30 13.33
C GLU A 32 5.29 -40.05 14.12
N THR A 33 5.61 -38.95 13.42
CA THR A 33 5.95 -37.73 14.14
C THR A 33 4.72 -37.09 14.76
N ALA A 34 3.62 -37.10 14.01
CA ALA A 34 2.39 -36.53 14.57
C ALA A 34 1.93 -37.32 15.78
N ALA A 35 2.02 -38.66 15.73
CA ALA A 35 1.65 -39.45 16.90
C ALA A 35 2.55 -39.15 18.09
N PHE A 36 3.85 -39.01 17.83
CA PHE A 36 4.79 -38.66 18.90
C PHE A 36 4.40 -37.34 19.56
N LEU A 37 4.10 -36.32 18.72
CA LEU A 37 3.80 -35.00 19.29
C LEU A 37 2.46 -35.01 20.03
N LYS A 38 1.43 -35.67 19.46
CA LYS A 38 0.17 -35.76 20.23
C LYS A 38 0.41 -36.41 21.60
N GLY A 39 1.36 -37.35 21.67
CA GLY A 39 1.65 -38.01 22.92
C GLY A 39 2.35 -37.15 23.94
N LYS A 40 2.84 -35.98 23.52
CA LYS A 40 3.55 -35.05 24.38
C LYS A 40 2.71 -33.83 24.69
N MET A 41 1.63 -33.60 23.91
CA MET A 41 0.94 -32.33 24.03
C MET A 41 -0.23 -32.44 25.01
N HIS A 42 -0.66 -31.30 25.55
CA HIS A 42 -1.87 -31.32 26.38
C HIS A 42 -2.73 -30.10 26.04
N THR A 43 -2.52 -29.54 24.86
CA THR A 43 -3.31 -28.45 24.33
C THR A 43 -3.66 -28.79 22.90
N SER A 44 -4.61 -28.03 22.33
CA SER A 44 -5.11 -28.25 20.95
C SER A 44 -5.05 -26.96 20.17
N PRO A 45 -3.85 -26.50 19.84
CA PRO A 45 -3.73 -25.24 19.08
C PRO A 45 -4.24 -25.38 17.68
N GLU A 46 -4.88 -24.31 17.19
CA GLU A 46 -5.29 -24.27 15.79
C GLU A 46 -4.50 -23.30 14.96
N THR A 47 -3.63 -22.49 15.56
CA THR A 47 -2.70 -21.61 14.86
C THR A 47 -1.26 -21.94 15.21
N ALA A 48 -0.40 -21.95 14.19
CA ALA A 48 1.01 -22.13 14.38
C ALA A 48 1.74 -20.92 13.82
N ILE A 49 2.89 -20.62 14.39
CA ILE A 49 3.73 -19.48 13.96
C ILE A 49 5.12 -20.04 13.71
N ILE A 50 5.68 -19.75 12.55
CA ILE A 50 7.07 -20.09 12.27
C ILE A 50 7.88 -18.83 12.48
N LEU A 51 8.85 -18.90 13.35
CA LEU A 51 9.64 -17.73 13.74
C LEU A 51 10.97 -17.81 13.02
N GLY A 52 11.28 -16.83 12.18
CA GLY A 52 12.55 -16.81 11.46
C GLY A 52 13.67 -16.14 12.21
N THR A 53 14.72 -15.74 11.45
CA THR A 53 15.96 -15.26 12.05
C THR A 53 15.74 -14.06 12.95
N GLY A 54 16.20 -14.17 14.19
CA GLY A 54 16.09 -13.04 15.09
C GLY A 54 14.71 -12.83 15.68
N LEU A 55 13.75 -13.71 15.35
CA LEU A 55 12.37 -13.42 15.72
C LEU A 55 11.91 -14.38 16.80
N GLY A 56 12.85 -15.13 17.38
CA GLY A 56 12.48 -16.15 18.35
C GLY A 56 11.93 -15.59 19.63
N SER A 57 12.21 -14.34 19.95
CA SER A 57 11.70 -13.87 21.22
C SER A 57 10.22 -13.64 21.23
N LEU A 58 9.49 -13.84 20.10
CA LEU A 58 8.06 -13.85 20.23
C LEU A 58 7.67 -14.86 21.32
N ALA A 59 8.46 -15.93 21.46
CA ALA A 59 8.08 -16.97 22.39
C ALA A 59 8.15 -16.51 23.84
N ASN A 60 8.77 -15.35 24.13
CA ASN A 60 8.75 -14.83 25.50
C ASN A 60 7.39 -14.28 25.86
N GLU A 61 6.51 -14.15 24.88
CA GLU A 61 5.17 -13.64 25.14
C GLU A 61 4.17 -14.76 25.29
N ILE A 62 4.57 -16.00 25.08
CA ILE A 62 3.67 -17.15 25.20
C ILE A 62 3.57 -17.54 26.69
N THR A 63 2.34 -17.73 27.19
CA THR A 63 2.13 -18.10 28.60
C THR A 63 1.75 -19.57 28.72
N GLU A 64 1.86 -20.08 29.95
CA GLU A 64 1.62 -21.52 30.19
C GLU A 64 2.44 -22.38 29.23
N LYS A 65 3.70 -21.98 29.01
CA LYS A 65 4.54 -22.55 27.96
C LYS A 65 5.03 -23.96 28.27
N TYR A 66 5.17 -24.76 27.23
CA TYR A 66 5.97 -25.98 27.30
C TYR A 66 6.64 -26.17 25.94
N GLU A 67 7.73 -26.97 25.93
CA GLU A 67 8.65 -26.98 24.80
C GLU A 67 9.07 -28.40 24.49
N ILE A 68 9.29 -28.65 23.21
CA ILE A 68 9.81 -29.93 22.71
C ILE A 68 10.95 -29.58 21.77
N LYS A 69 12.17 -30.03 22.08
CA LYS A 69 13.29 -29.65 21.22
C LYS A 69 13.21 -30.43 19.92
N TYR A 70 13.59 -29.79 18.79
CA TYR A 70 13.58 -30.50 17.51
C TYR A 70 14.42 -31.75 17.53
N GLU A 71 15.54 -31.75 18.28
CA GLU A 71 16.40 -32.93 18.30
C GLU A 71 15.72 -34.13 18.96
N ASP A 72 14.65 -33.89 19.72
CA ASP A 72 13.96 -34.99 20.40
C ASP A 72 12.75 -35.48 19.60
N ILE A 73 12.43 -34.86 18.48
CA ILE A 73 11.26 -35.22 17.69
C ILE A 73 11.65 -36.20 16.60
N PRO A 74 11.02 -37.38 16.51
CA PRO A 74 11.36 -38.32 15.43
C PRO A 74 11.18 -37.67 14.07
N ASN A 75 12.12 -37.94 13.16
CA ASN A 75 12.10 -37.48 11.76
C ASN A 75 12.26 -35.99 11.56
N PHE A 76 12.41 -35.20 12.65
CA PHE A 76 12.53 -33.74 12.43
C PHE A 76 13.93 -33.33 12.00
N PRO A 77 14.04 -32.40 11.05
CA PRO A 77 15.32 -31.72 10.85
C PRO A 77 15.70 -30.95 12.10
N VAL A 78 16.96 -30.52 12.15
CA VAL A 78 17.38 -29.63 13.24
C VAL A 78 17.84 -28.31 12.63
N SER A 79 17.69 -27.23 13.40
CA SER A 79 18.11 -25.90 12.91
C SER A 79 19.61 -25.71 13.11
N THR A 80 20.35 -25.45 12.03
CA THR A 80 21.79 -25.27 12.15
C THR A 80 22.20 -23.81 12.04
N VAL A 81 21.25 -22.91 11.84
CA VAL A 81 21.55 -21.47 11.59
C VAL A 81 21.51 -20.70 12.88
N GLU A 82 22.50 -19.82 13.05
CA GLU A 82 22.56 -19.02 14.28
C GLU A 82 21.32 -18.15 14.35
N GLY A 83 20.68 -18.08 15.54
CA GLY A 83 19.43 -17.34 15.68
C GLY A 83 18.17 -18.19 15.55
N HIS A 84 18.32 -19.49 15.36
CA HIS A 84 17.23 -20.44 15.25
C HIS A 84 17.40 -21.39 16.43
N SER A 85 16.57 -21.24 17.46
CA SER A 85 16.81 -22.03 18.67
C SER A 85 16.56 -23.53 18.48
N GLY A 86 15.60 -23.93 17.67
CA GLY A 86 15.35 -25.33 17.40
C GLY A 86 14.41 -25.97 18.38
N LYS A 87 13.29 -25.31 18.69
CA LYS A 87 12.32 -26.00 19.53
C LYS A 87 10.90 -25.63 19.13
N LEU A 88 9.98 -26.56 19.42
CA LEU A 88 8.55 -26.26 19.30
C LEU A 88 8.05 -25.74 20.64
N ILE A 89 7.34 -24.61 20.63
CA ILE A 89 6.82 -24.00 21.82
C ILE A 89 5.30 -24.05 21.77
N PHE A 90 4.69 -24.54 22.82
CA PHE A 90 3.24 -24.55 22.93
C PHE A 90 2.84 -23.65 24.08
N GLY A 91 1.69 -22.99 23.96
CA GLY A 91 1.19 -22.22 25.08
C GLY A 91 0.19 -21.21 24.53
N LYS A 92 -0.16 -20.23 25.35
CA LYS A 92 -1.15 -19.25 24.92
C LYS A 92 -0.46 -17.99 24.45
N LEU A 93 -0.92 -17.46 23.33
CA LEU A 93 -0.52 -16.12 22.88
C LEU A 93 -1.79 -15.30 23.02
N GLY A 94 -1.76 -14.33 23.91
CA GLY A 94 -3.02 -13.73 24.37
C GLY A 94 -3.83 -14.82 25.08
N ASN A 95 -5.05 -15.05 24.59
CA ASN A 95 -5.96 -16.02 25.20
C ASN A 95 -6.19 -17.26 24.33
N LYS A 96 -5.45 -17.46 23.24
CA LYS A 96 -5.64 -18.64 22.38
C LYS A 96 -4.43 -19.55 22.45
N GLU A 97 -4.67 -20.85 22.35
CA GLU A 97 -3.54 -21.80 22.34
C GLU A 97 -2.86 -21.76 20.96
N ILE A 98 -1.52 -21.71 20.93
CA ILE A 98 -0.77 -21.74 19.66
C ILE A 98 0.36 -22.73 19.77
N MET A 99 1.01 -22.94 18.65
CA MET A 99 2.29 -23.65 18.66
C MET A 99 3.23 -22.81 17.80
N ALA A 100 4.46 -22.67 18.24
CA ALA A 100 5.41 -21.89 17.49
C ALA A 100 6.63 -22.74 17.21
N MET A 101 7.14 -22.62 15.98
CA MET A 101 8.41 -23.18 15.58
C MET A 101 9.43 -22.07 15.90
N GLN A 102 10.22 -22.27 16.94
CA GLN A 102 11.21 -21.27 17.31
C GLN A 102 12.47 -21.65 16.57
N GLY A 103 12.60 -21.15 15.36
CA GLY A 103 13.63 -21.58 14.42
C GLY A 103 13.03 -22.40 13.30
N ARG A 104 13.60 -22.25 12.11
CA ARG A 104 13.14 -23.04 10.97
C ARG A 104 14.29 -23.70 10.23
N PHE A 105 13.97 -24.27 9.07
CA PHE A 105 14.91 -25.03 8.24
C PHE A 105 14.97 -24.39 6.87
N HIS A 106 16.14 -24.46 6.26
CA HIS A 106 16.32 -23.79 4.98
C HIS A 106 16.95 -24.75 3.99
N TYR A 107 16.59 -24.54 2.72
CA TYR A 107 17.15 -25.35 1.65
C TYR A 107 18.68 -25.20 1.57
N TYR A 108 19.21 -24.00 1.88
CA TYR A 108 20.69 -23.85 1.82
C TYR A 108 21.44 -24.67 2.86
N GLU A 109 20.74 -25.18 3.89
CA GLU A 109 21.43 -26.00 4.85
C GLU A 109 21.73 -27.38 4.30
N GLY A 110 21.14 -27.75 3.16
CA GLY A 110 21.29 -29.10 2.63
C GLY A 110 20.01 -29.90 2.69
N TYR A 111 18.98 -29.36 3.33
CA TYR A 111 17.71 -30.07 3.45
C TYR A 111 16.96 -30.01 2.12
N SER A 112 16.30 -31.12 1.79
CA SER A 112 15.42 -31.09 0.64
C SER A 112 14.17 -30.27 0.98
N MET A 113 13.45 -29.84 -0.07
CA MET A 113 12.19 -29.12 0.18
C MET A 113 11.16 -29.96 0.91
N LYS A 114 11.18 -31.30 0.71
CA LYS A 114 10.29 -32.11 1.52
C LYS A 114 10.72 -32.17 2.98
N GLU A 115 12.03 -32.07 3.29
CA GLU A 115 12.42 -31.94 4.70
C GLU A 115 12.11 -30.58 5.26
N VAL A 116 12.38 -29.51 4.48
CA VAL A 116 12.10 -28.17 4.95
C VAL A 116 10.64 -28.00 5.32
N THR A 117 9.73 -28.65 4.57
CA THR A 117 8.30 -28.41 4.79
C THR A 117 7.64 -29.54 5.57
N PHE A 118 8.40 -30.58 5.97
CA PHE A 118 7.86 -31.67 6.76
C PHE A 118 7.08 -31.15 7.97
N PRO A 119 7.52 -30.13 8.68
CA PRO A 119 6.71 -29.68 9.81
C PRO A 119 5.33 -29.21 9.42
N VAL A 120 5.15 -28.65 8.22
CA VAL A 120 3.80 -28.20 7.86
C VAL A 120 2.88 -29.40 7.64
N ARG A 121 3.42 -30.48 7.07
CA ARG A 121 2.63 -31.70 6.92
C ARG A 121 2.24 -32.25 8.28
N VAL A 122 3.16 -32.18 9.24
CA VAL A 122 2.85 -32.65 10.59
C VAL A 122 1.85 -31.71 11.24
N MET A 123 1.97 -30.39 11.00
CA MET A 123 0.99 -29.50 11.62
C MET A 123 -0.43 -29.81 11.14
N ARG A 124 -0.59 -30.18 9.86
CA ARG A 124 -1.93 -30.55 9.37
C ARG A 124 -2.53 -31.64 10.20
N GLU A 125 -1.72 -32.69 10.49
CA GLU A 125 -2.23 -33.79 11.28
C GLU A 125 -2.46 -33.45 12.73
N LEU A 126 -1.85 -32.38 13.25
CA LEU A 126 -2.06 -31.95 14.64
C LEU A 126 -3.26 -31.06 14.78
N GLY A 127 -3.91 -30.68 13.66
CA GLY A 127 -5.12 -29.88 13.73
C GLY A 127 -4.91 -28.41 13.45
N ILE A 128 -3.72 -28.02 13.04
CA ILE A 128 -3.48 -26.60 12.74
C ILE A 128 -4.32 -26.18 11.53
N LYS A 129 -4.98 -25.03 11.64
CA LYS A 129 -5.85 -24.54 10.57
C LYS A 129 -5.33 -23.24 9.98
N THR A 130 -4.42 -22.55 10.68
CA THR A 130 -3.84 -21.30 10.23
C THR A 130 -2.37 -21.29 10.58
N LEU A 131 -1.55 -20.83 9.65
CA LEU A 131 -0.11 -20.74 9.79
C LEU A 131 0.30 -19.29 9.64
N PHE A 132 1.03 -18.76 10.61
CA PHE A 132 1.69 -17.47 10.47
C PHE A 132 3.16 -17.72 10.16
N VAL A 133 3.67 -17.10 9.07
CA VAL A 133 5.08 -17.25 8.72
C VAL A 133 5.77 -15.93 8.92
N SER A 134 6.96 -15.98 9.48
CA SER A 134 7.75 -14.77 9.65
C SER A 134 9.15 -15.02 9.12
N ASN A 135 9.82 -13.96 8.71
CA ASN A 135 11.20 -14.11 8.27
C ASN A 135 11.90 -12.77 8.33
N ALA A 136 13.23 -12.82 8.25
CA ALA A 136 14.06 -11.65 8.01
C ALA A 136 14.39 -11.58 6.52
N SER A 137 14.34 -10.39 5.94
CA SER A 137 14.59 -10.27 4.50
C SER A 137 15.42 -9.05 4.14
N GLY A 138 15.92 -9.04 2.90
CA GLY A 138 16.50 -7.82 2.35
C GLY A 138 15.44 -7.03 1.57
N GLY A 139 15.37 -5.73 1.80
CA GLY A 139 14.37 -4.92 1.09
C GLY A 139 14.89 -4.49 -0.27
N THR A 140 14.07 -4.72 -1.30
CA THR A 140 14.42 -4.22 -2.62
C THR A 140 13.54 -3.05 -3.02
N ASN A 141 12.43 -2.84 -2.33
CA ASN A 141 11.59 -1.65 -2.61
C ASN A 141 12.29 -0.42 -2.05
N PRO A 142 12.57 0.60 -2.87
CA PRO A 142 13.36 1.73 -2.38
C PRO A 142 12.68 2.54 -1.29
N GLU A 143 11.38 2.32 -1.04
CA GLU A 143 10.71 3.02 0.04
C GLU A 143 10.96 2.38 1.40
N PHE A 144 11.48 1.16 1.44
CA PHE A 144 11.63 0.44 2.70
C PHE A 144 12.86 0.88 3.48
N GLU A 145 12.78 0.73 4.80
CA GLU A 145 13.85 1.03 5.72
C GLU A 145 14.08 -0.18 6.58
N ILE A 146 15.32 -0.33 7.05
CA ILE A 146 15.57 -1.42 8.00
C ILE A 146 14.65 -1.29 9.20
N GLY A 147 14.07 -2.43 9.60
CA GLY A 147 13.14 -2.49 10.70
C GLY A 147 11.69 -2.42 10.26
N ASP A 148 11.43 -2.14 9.00
CA ASP A 148 10.04 -2.18 8.54
C ASP A 148 9.44 -3.57 8.60
N LEU A 149 8.13 -3.63 8.91
CA LEU A 149 7.39 -4.89 8.81
C LEU A 149 6.63 -4.91 7.51
N MET A 150 6.84 -5.94 6.71
CA MET A 150 6.15 -6.01 5.43
C MET A 150 5.17 -7.17 5.49
N ILE A 151 3.88 -6.85 5.39
CA ILE A 151 2.90 -7.90 5.29
C ILE A 151 3.02 -8.49 3.92
N ILE A 152 3.14 -9.81 3.84
CA ILE A 152 3.37 -10.46 2.55
C ILE A 152 2.04 -10.65 1.85
N THR A 153 1.87 -10.01 0.68
CA THR A 153 0.60 -10.12 -0.02
C THR A 153 0.65 -11.17 -1.12
N ASP A 154 1.86 -11.59 -1.54
CA ASP A 154 2.04 -12.60 -2.58
C ASP A 154 3.50 -12.94 -2.58
N HIS A 155 3.86 -14.02 -3.29
CA HIS A 155 5.27 -14.38 -3.31
C HIS A 155 5.68 -14.84 -4.71
N ILE A 156 6.99 -14.89 -4.88
CA ILE A 156 7.62 -15.47 -6.07
C ILE A 156 8.50 -16.61 -5.63
N ASN A 157 8.27 -17.81 -6.19
CA ASN A 157 9.11 -18.97 -5.86
C ASN A 157 10.30 -18.92 -6.81
N TYR A 158 11.48 -18.53 -6.31
CA TYR A 158 12.67 -18.56 -7.15
C TYR A 158 13.62 -19.68 -6.72
N PHE A 159 13.14 -20.68 -6.01
CA PHE A 159 13.99 -21.83 -5.65
C PHE A 159 14.04 -22.83 -6.77
N PRO A 160 15.11 -23.63 -6.85
CA PRO A 160 15.21 -24.60 -7.93
C PRO A 160 14.48 -25.89 -7.68
N GLU A 161 13.97 -26.12 -6.49
CA GLU A 161 13.31 -27.35 -6.11
C GLU A 161 11.96 -26.98 -5.54
N HIS A 162 10.92 -27.70 -6.00
CA HIS A 162 9.54 -27.39 -5.59
C HIS A 162 9.09 -28.47 -4.61
N PRO A 163 8.53 -28.11 -3.47
CA PRO A 163 8.18 -29.15 -2.48
C PRO A 163 7.13 -30.14 -2.94
N LEU A 164 6.35 -29.82 -3.99
CA LEU A 164 5.32 -30.74 -4.42
C LEU A 164 5.72 -31.64 -5.59
N ARG A 165 6.94 -31.52 -6.13
CA ARG A 165 7.35 -32.38 -7.21
C ARG A 165 7.30 -33.83 -6.75
N GLY A 166 6.84 -34.72 -7.61
CA GLY A 166 6.77 -36.12 -7.29
C GLY A 166 5.31 -36.52 -7.16
N LYS A 167 5.06 -37.71 -6.60
CA LYS A 167 3.67 -38.13 -6.44
C LYS A 167 2.93 -37.19 -5.52
N ASN A 168 1.66 -36.91 -5.87
CA ASN A 168 0.87 -35.98 -5.10
C ASN A 168 0.33 -36.64 -3.83
N ILE A 169 0.41 -35.93 -2.70
CA ILE A 169 -0.21 -36.42 -1.47
C ILE A 169 -1.70 -36.18 -1.64
N PRO A 170 -2.52 -37.22 -1.61
CA PRO A 170 -3.83 -37.09 -2.22
C PRO A 170 -4.84 -36.24 -1.47
N TYR A 171 -4.55 -35.79 -0.24
CA TYR A 171 -5.53 -34.89 0.36
C TYR A 171 -5.49 -33.45 -0.18
N GLY A 172 -4.53 -33.12 -1.03
CA GLY A 172 -4.54 -31.81 -1.69
C GLY A 172 -4.49 -31.99 -3.19
N PRO A 173 -4.63 -30.91 -3.93
CA PRO A 173 -4.67 -30.99 -5.40
C PRO A 173 -3.32 -31.26 -6.02
N ARG A 174 -3.35 -32.02 -7.13
CA ARG A 174 -2.16 -32.18 -7.96
C ARG A 174 -1.61 -30.82 -8.36
N PHE A 175 -2.50 -29.88 -8.72
CA PHE A 175 -2.16 -28.56 -9.24
C PHE A 175 -2.85 -27.50 -8.40
N PRO A 176 -2.27 -27.12 -7.26
CA PRO A 176 -2.91 -26.10 -6.41
C PRO A 176 -3.05 -24.77 -7.13
N ASP A 177 -4.22 -24.16 -6.97
CA ASP A 177 -4.37 -22.78 -7.42
C ASP A 177 -3.68 -21.85 -6.43
N MET A 178 -2.98 -20.85 -6.98
CA MET A 178 -2.24 -19.96 -6.10
C MET A 178 -2.64 -18.52 -6.31
N SER A 179 -3.89 -18.29 -6.67
CA SER A 179 -4.33 -16.91 -6.90
C SER A 179 -4.43 -16.11 -5.62
N GLU A 180 -4.59 -16.79 -4.48
CA GLU A 180 -4.74 -16.13 -3.16
C GLU A 180 -4.02 -16.97 -2.11
N ALA A 181 -2.70 -17.09 -2.31
CA ALA A 181 -1.88 -17.92 -1.43
C ALA A 181 -1.82 -17.36 -0.01
N TYR A 182 -1.89 -16.03 0.13
CA TYR A 182 -1.90 -15.36 1.43
C TYR A 182 -3.33 -14.87 1.62
N ASP A 183 -3.95 -15.29 2.72
CA ASP A 183 -5.36 -15.02 2.95
C ASP A 183 -5.65 -13.52 2.94
N LYS A 184 -6.56 -13.08 2.04
CA LYS A 184 -6.82 -11.64 1.97
C LYS A 184 -7.50 -11.11 3.23
N GLU A 185 -8.36 -11.89 3.84
CA GLU A 185 -9.07 -11.41 5.01
C GLU A 185 -8.13 -11.25 6.20
N LEU A 186 -7.16 -12.17 6.41
CA LEU A 186 -6.16 -11.97 7.47
C LEU A 186 -5.35 -10.71 7.21
N ILE A 187 -5.00 -10.43 5.95
CA ILE A 187 -4.29 -9.15 5.68
C ILE A 187 -5.15 -7.95 6.02
N ARG A 188 -6.43 -7.95 5.62
CA ARG A 188 -7.29 -6.83 5.98
C ARG A 188 -7.34 -6.64 7.49
N LYS A 189 -7.46 -7.74 8.22
CA LYS A 189 -7.58 -7.67 9.68
C LYS A 189 -6.29 -7.16 10.31
N ALA A 190 -5.15 -7.64 9.79
CA ALA A 190 -3.85 -7.20 10.31
C ALA A 190 -3.69 -5.71 10.05
N ASP A 191 -4.10 -5.23 8.85
CA ASP A 191 -4.03 -3.79 8.56
C ASP A 191 -4.84 -2.98 9.55
N ALA A 192 -6.05 -3.47 9.88
CA ALA A 192 -6.90 -2.77 10.81
C ALA A 192 -6.28 -2.72 12.20
N ILE A 193 -5.72 -3.85 12.64
CA ILE A 193 -5.02 -3.87 13.92
C ILE A 193 -3.86 -2.89 13.92
N ALA A 194 -3.07 -2.90 12.84
CA ALA A 194 -1.91 -2.01 12.83
C ALA A 194 -2.32 -0.56 12.86
N ALA A 195 -3.40 -0.23 12.16
CA ALA A 195 -3.89 1.14 12.21
C ALA A 195 -4.39 1.51 13.60
N GLU A 196 -5.10 0.59 14.27
CA GLU A 196 -5.59 0.93 15.61
C GLU A 196 -4.43 1.13 16.59
N LYS A 197 -3.35 0.35 16.47
CA LYS A 197 -2.19 0.38 17.36
C LYS A 197 -1.14 1.43 16.94
N GLY A 198 -1.35 2.09 15.81
CA GLY A 198 -0.34 3.01 15.29
C GLY A 198 0.98 2.37 14.91
N ILE A 199 0.97 1.13 14.44
CA ILE A 199 2.17 0.42 13.96
C ILE A 199 2.23 0.56 12.44
N LYS A 200 3.30 1.16 11.94
CA LYS A 200 3.47 1.25 10.49
C LYS A 200 3.78 -0.11 9.88
N VAL A 201 3.04 -0.45 8.82
CA VAL A 201 3.28 -1.67 8.08
C VAL A 201 3.42 -1.34 6.61
N GLN A 202 4.33 -2.07 5.96
CA GLN A 202 4.42 -2.12 4.51
C GLN A 202 3.63 -3.33 4.01
N HIS A 203 3.42 -3.39 2.70
CA HIS A 203 2.80 -4.54 2.05
C HIS A 203 3.62 -4.83 0.81
N GLY A 204 3.83 -6.10 0.52
CA GLY A 204 4.45 -6.36 -0.77
C GLY A 204 4.73 -7.82 -1.02
N ILE A 205 5.52 -8.03 -2.06
CA ILE A 205 5.84 -9.35 -2.63
C ILE A 205 7.18 -9.83 -2.09
N TYR A 206 7.19 -11.05 -1.55
CA TYR A 206 8.42 -11.70 -1.10
C TYR A 206 8.91 -12.65 -2.18
N ILE A 207 10.20 -12.57 -2.49
CA ILE A 207 10.79 -13.59 -3.37
C ILE A 207 11.72 -14.47 -2.56
N GLY A 208 11.60 -15.78 -2.76
CA GLY A 208 12.44 -16.75 -2.01
C GLY A 208 13.46 -17.33 -2.98
N THR A 209 14.74 -17.32 -2.56
CA THR A 209 15.86 -17.75 -3.38
C THR A 209 16.76 -18.62 -2.51
N GLN A 210 17.52 -19.55 -3.12
CA GLN A 210 18.14 -20.57 -2.28
C GLN A 210 19.21 -20.03 -1.35
N GLY A 211 19.99 -19.04 -1.75
CA GLY A 211 21.15 -18.68 -0.95
C GLY A 211 22.24 -19.77 -0.98
N PRO A 212 23.22 -19.72 -0.05
CA PRO A 212 23.29 -18.90 1.15
C PRO A 212 24.07 -17.60 0.97
N THR A 213 24.62 -17.30 -0.20
CA THR A 213 25.23 -15.96 -0.35
C THR A 213 24.16 -14.88 -0.30
N PHE A 214 24.46 -13.78 0.42
CA PHE A 214 23.63 -12.61 0.18
C PHE A 214 23.78 -12.17 -1.29
N GLU A 215 22.81 -11.44 -1.77
CA GLU A 215 22.80 -11.11 -3.20
C GLU A 215 23.87 -10.11 -3.61
N THR A 216 24.36 -10.29 -4.85
CA THR A 216 25.16 -9.23 -5.43
C THR A 216 24.25 -8.04 -5.74
N PRO A 217 24.84 -6.86 -5.98
CA PRO A 217 23.98 -5.72 -6.37
C PRO A 217 23.19 -6.02 -7.63
N ALA A 218 23.80 -6.74 -8.60
CA ALA A 218 23.09 -7.11 -9.81
C ALA A 218 21.92 -8.05 -9.52
N GLU A 219 22.06 -8.94 -8.54
CA GLU A 219 21.00 -9.90 -8.18
C GLU A 219 19.89 -9.17 -7.45
N TYR A 220 20.24 -8.24 -6.54
CA TYR A 220 19.17 -7.44 -5.94
C TYR A 220 18.41 -6.68 -7.00
N LYS A 221 19.11 -6.09 -7.97
CA LYS A 221 18.46 -5.34 -9.04
C LYS A 221 17.56 -6.27 -9.84
N LEU A 222 18.04 -7.47 -10.17
CA LEU A 222 17.23 -8.46 -10.88
C LEU A 222 15.89 -8.70 -10.14
N PHE A 223 15.98 -8.90 -8.83
CA PHE A 223 14.76 -9.22 -8.05
C PHE A 223 13.80 -8.03 -8.04
N HIS A 224 14.33 -6.81 -7.99
CA HIS A 224 13.48 -5.63 -8.15
C HIS A 224 12.81 -5.59 -9.51
N ILE A 225 13.55 -5.88 -10.58
CA ILE A 225 12.97 -5.90 -11.93
C ILE A 225 11.83 -6.90 -12.01
N LEU A 226 12.00 -8.06 -11.38
CA LEU A 226 10.97 -9.11 -11.44
C LEU A 226 9.74 -8.78 -10.60
N GLY A 227 9.76 -7.71 -9.82
CA GLY A 227 8.62 -7.29 -9.04
C GLY A 227 8.65 -7.64 -7.57
N ALA A 228 9.79 -7.99 -7.02
CA ALA A 228 9.85 -8.32 -5.60
C ALA A 228 10.10 -7.08 -4.77
N ASP A 229 9.52 -7.06 -3.58
CA ASP A 229 9.78 -6.01 -2.59
C ASP A 229 10.73 -6.43 -1.51
N ALA A 230 10.85 -7.72 -1.27
CA ALA A 230 11.78 -8.20 -0.26
C ALA A 230 12.26 -9.58 -0.67
N VAL A 231 13.49 -9.90 -0.31
CA VAL A 231 14.09 -11.18 -0.73
C VAL A 231 14.60 -11.92 0.50
N GLY A 232 14.36 -13.24 0.52
CA GLY A 232 14.98 -14.02 1.56
C GLY A 232 15.15 -15.43 1.07
N MET A 233 15.57 -16.31 1.99
CA MET A 233 15.94 -17.65 1.62
C MET A 233 15.03 -18.72 2.23
N SER A 234 13.79 -18.34 2.54
CA SER A 234 12.89 -19.26 3.26
C SER A 234 11.45 -19.05 2.79
N THR A 235 10.48 -19.51 3.62
CA THR A 235 9.05 -19.11 3.64
C THR A 235 8.22 -19.63 2.48
N VAL A 236 8.65 -19.38 1.23
CA VAL A 236 7.88 -19.84 0.07
C VAL A 236 7.54 -21.33 0.14
N PRO A 237 8.48 -22.22 0.38
CA PRO A 237 8.11 -23.64 0.40
C PRO A 237 7.04 -23.99 1.43
N GLU A 238 7.14 -23.41 2.64
CA GLU A 238 6.18 -23.67 3.70
C GLU A 238 4.80 -23.15 3.32
N VAL A 239 4.75 -22.03 2.59
CA VAL A 239 3.47 -21.48 2.18
C VAL A 239 2.85 -22.37 1.11
N ILE A 240 3.67 -22.82 0.16
CA ILE A 240 3.17 -23.75 -0.87
C ILE A 240 2.55 -24.94 -0.19
N VAL A 241 3.29 -25.54 0.73
CA VAL A 241 2.78 -26.77 1.35
C VAL A 241 1.55 -26.47 2.22
N ALA A 242 1.55 -25.35 2.92
CA ALA A 242 0.35 -25.02 3.71
C ALA A 242 -0.87 -24.90 2.78
N ASN A 243 -0.66 -24.26 1.62
CA ASN A 243 -1.75 -24.14 0.65
C ASN A 243 -2.25 -25.51 0.20
N HIS A 244 -1.32 -26.42 -0.12
CA HIS A 244 -1.70 -27.78 -0.49
C HIS A 244 -2.50 -28.46 0.63
N CYS A 245 -2.11 -28.22 1.88
CA CYS A 245 -2.75 -28.80 3.06
C CYS A 245 -4.06 -28.16 3.45
N GLY A 246 -4.44 -27.05 2.83
CA GLY A 246 -5.67 -26.40 3.20
C GLY A 246 -5.54 -25.53 4.43
N ILE A 247 -4.31 -25.17 4.81
CA ILE A 247 -4.04 -24.34 5.99
C ILE A 247 -3.93 -22.88 5.53
N LYS A 248 -4.66 -21.99 6.18
CA LYS A 248 -4.70 -20.58 5.78
C LYS A 248 -3.37 -19.91 6.19
N VAL A 249 -2.85 -18.98 5.38
CA VAL A 249 -1.53 -18.38 5.62
C VAL A 249 -1.58 -16.88 5.79
N PHE A 250 -0.84 -16.40 6.80
CA PHE A 250 -0.52 -14.98 6.95
C PHE A 250 0.99 -14.86 7.11
N GLY A 251 1.59 -13.83 6.52
CA GLY A 251 3.05 -13.77 6.60
C GLY A 251 3.55 -12.34 6.81
N ILE A 252 4.56 -12.16 7.66
CA ILE A 252 5.20 -10.84 7.82
C ILE A 252 6.70 -11.04 7.60
N SER A 253 7.30 -10.19 6.77
CA SER A 253 8.72 -10.21 6.52
C SER A 253 9.31 -8.96 7.18
N VAL A 254 10.35 -9.12 7.99
CA VAL A 254 10.97 -7.98 8.65
C VAL A 254 12.17 -7.58 7.79
N VAL A 255 12.19 -6.34 7.31
CA VAL A 255 13.28 -5.86 6.47
C VAL A 255 14.50 -5.63 7.35
N THR A 256 15.56 -6.39 7.14
CA THR A 256 16.71 -6.31 8.05
C THR A 256 17.94 -5.70 7.40
N ASP A 257 17.88 -5.43 6.10
CA ASP A 257 19.01 -4.88 5.34
C ASP A 257 18.44 -4.44 4.01
N LEU A 258 19.14 -3.50 3.33
CA LEU A 258 18.62 -2.95 2.08
C LEU A 258 19.38 -3.55 0.90
N GLY A 259 18.62 -4.00 -0.10
CA GLY A 259 19.22 -4.39 -1.35
C GLY A 259 18.72 -3.42 -2.40
N VAL A 260 18.81 -2.13 -2.13
CA VAL A 260 18.34 -1.06 -3.00
C VAL A 260 19.50 -0.45 -3.73
N GLU A 261 19.36 -0.30 -5.07
CA GLU A 261 20.47 0.20 -5.90
C GLU A 261 20.91 1.55 -5.38
N GLY A 262 22.21 1.76 -5.24
CA GLY A 262 22.76 3.00 -4.70
C GLY A 262 22.89 3.06 -3.20
N LYS A 263 22.34 2.08 -2.48
CA LYS A 263 22.30 2.15 -1.03
C LYS A 263 22.87 0.87 -0.45
N ILE A 264 23.43 0.01 -1.28
CA ILE A 264 23.90 -1.28 -0.74
C ILE A 264 25.20 -1.09 0.06
N VAL A 265 25.28 -1.74 1.22
CA VAL A 265 26.47 -1.83 2.06
C VAL A 265 26.69 -3.28 2.40
N GLU A 266 27.84 -3.55 3.03
CA GLU A 266 28.11 -4.90 3.52
C GLU A 266 27.09 -5.29 4.57
N VAL A 267 26.66 -6.53 4.51
CA VAL A 267 25.67 -6.99 5.46
C VAL A 267 26.24 -8.23 6.13
N SER A 268 25.77 -8.48 7.34
CA SER A 268 26.16 -9.72 8.01
C SER A 268 24.95 -10.30 8.71
N HIS A 269 24.97 -11.64 8.87
CA HIS A 269 23.89 -12.32 9.57
C HIS A 269 23.79 -11.84 11.01
N GLU A 270 24.90 -11.45 11.64
CA GLU A 270 24.87 -10.94 13.02
C GLU A 270 24.04 -9.65 13.08
N GLU A 271 24.23 -8.78 12.09
CA GLU A 271 23.48 -7.54 12.10
C GLU A 271 22.02 -7.80 11.70
N VAL A 272 21.78 -8.78 10.82
CA VAL A 272 20.41 -9.15 10.48
C VAL A 272 19.66 -9.56 11.75
N GLN A 273 20.30 -10.40 12.58
CA GLN A 273 19.62 -10.89 13.79
C GLN A 273 19.29 -9.72 14.71
N LYS A 274 20.18 -8.72 14.81
CA LYS A 274 19.90 -7.63 15.75
C LYS A 274 18.75 -6.79 15.23
N ALA A 275 18.71 -6.57 13.91
CA ALA A 275 17.63 -5.79 13.34
C ALA A 275 16.29 -6.48 13.49
N ALA A 276 16.24 -7.79 13.26
CA ALA A 276 14.99 -8.55 13.42
C ALA A 276 14.56 -8.52 14.89
N ASP A 277 15.50 -8.75 15.81
CA ASP A 277 15.14 -8.72 17.23
C ASP A 277 14.54 -7.37 17.64
N ALA A 278 15.06 -6.26 17.10
CA ALA A 278 14.51 -4.95 17.43
C ALA A 278 13.07 -4.76 16.93
N ALA A 279 12.69 -5.40 15.84
CA ALA A 279 11.36 -5.25 15.26
C ALA A 279 10.38 -6.25 15.82
N GLN A 280 10.87 -7.31 16.48
CA GLN A 280 9.98 -8.38 16.93
C GLN A 280 8.80 -7.90 17.77
N PRO A 281 8.94 -6.98 18.74
CA PRO A 281 7.77 -6.67 19.58
C PRO A 281 6.59 -6.12 18.80
N LYS A 282 6.82 -5.25 17.81
CA LYS A 282 5.71 -4.77 16.99
C LYS A 282 5.08 -5.89 16.14
N MET A 283 5.91 -6.80 15.62
CA MET A 283 5.38 -7.94 14.86
C MET A 283 4.49 -8.77 15.78
N THR A 284 4.97 -9.03 16.99
CA THR A 284 4.22 -9.88 17.90
C THR A 284 2.91 -9.24 18.33
N THR A 285 2.89 -7.93 18.54
CA THR A 285 1.63 -7.28 18.83
C THR A 285 0.61 -7.56 17.74
N ILE A 286 0.98 -7.35 16.48
CA ILE A 286 0.01 -7.63 15.39
C ILE A 286 -0.42 -9.10 15.42
N MET A 287 0.54 -10.03 15.52
CA MET A 287 0.11 -11.43 15.48
C MET A 287 -0.75 -11.81 16.68
N ARG A 288 -0.40 -11.32 17.87
CA ARG A 288 -1.21 -11.64 19.03
C ARG A 288 -2.64 -11.14 18.88
N GLU A 289 -2.81 -9.90 18.41
CA GLU A 289 -4.18 -9.41 18.25
C GLU A 289 -4.91 -10.14 17.12
N LEU A 290 -4.20 -10.50 16.04
CA LEU A 290 -4.83 -11.22 14.94
C LEU A 290 -5.36 -12.56 15.42
N ILE A 291 -4.58 -13.26 16.24
CA ILE A 291 -5.06 -14.52 16.82
C ILE A 291 -6.23 -14.31 17.77
N ASN A 292 -6.23 -13.26 18.54
CA ASN A 292 -7.21 -13.12 19.63
C ASN A 292 -8.49 -12.45 19.28
N ARG A 293 -8.55 -11.80 18.14
CA ARG A 293 -9.79 -11.16 17.70
C ARG A 293 -10.58 -12.08 16.77
N ALA A 294 -9.93 -13.16 16.31
CA ALA A 294 -10.62 -14.29 15.66
C ALA A 294 -11.14 -15.31 16.68
N SER B 22 5.94 41.70 -18.04
CA SER B 22 4.54 41.43 -17.79
C SER B 22 4.40 40.62 -16.50
N MET B 23 5.47 40.59 -15.70
CA MET B 23 5.29 40.05 -14.35
C MET B 23 4.33 40.98 -13.60
N MET B 24 4.50 42.30 -13.78
CA MET B 24 3.64 43.23 -13.08
C MET B 24 2.19 43.13 -13.58
N ALA B 25 1.99 42.88 -14.89
CA ALA B 25 0.63 42.75 -15.40
C ALA B 25 -0.07 41.57 -14.77
N MET B 26 0.65 40.47 -14.56
CA MET B 26 0.05 39.31 -13.93
C MET B 26 -0.25 39.60 -12.48
N LEU B 27 0.68 40.28 -11.79
CA LEU B 27 0.45 40.59 -10.40
C LEU B 27 -0.76 41.49 -10.28
N GLU B 28 -0.89 42.45 -11.22
CA GLU B 28 -2.01 43.38 -11.17
C GLU B 28 -3.34 42.60 -11.30
N LYS B 29 -3.37 41.60 -12.20
CA LYS B 29 -4.60 40.83 -12.34
C LYS B 29 -4.89 39.99 -11.11
N ILE B 30 -3.87 39.37 -10.53
CA ILE B 30 -4.09 38.65 -9.27
C ILE B 30 -4.67 39.60 -8.22
N GLN B 31 -4.09 40.80 -8.08
CA GLN B 31 -4.59 41.76 -7.09
C GLN B 31 -6.03 42.17 -7.38
N GLU B 32 -6.34 42.42 -8.64
CA GLU B 32 -7.68 42.84 -9.02
C GLU B 32 -8.70 41.77 -8.63
N THR B 33 -8.37 40.50 -8.93
CA THR B 33 -9.32 39.44 -8.65
C THR B 33 -9.45 39.19 -7.15
N ALA B 34 -8.32 39.23 -6.42
CA ALA B 34 -8.39 39.02 -4.99
C ALA B 34 -9.20 40.12 -4.34
N ALA B 35 -9.01 41.38 -4.77
CA ALA B 35 -9.77 42.47 -4.15
C ALA B 35 -11.25 42.31 -4.44
N PHE B 36 -11.61 41.86 -5.66
CA PHE B 36 -13.01 41.64 -5.96
C PHE B 36 -13.59 40.61 -5.01
N LEU B 37 -12.88 39.48 -4.87
CA LEU B 37 -13.41 38.40 -4.04
C LEU B 37 -13.48 38.80 -2.58
N LYS B 38 -12.45 39.48 -2.05
CA LYS B 38 -12.54 39.88 -0.65
C LYS B 38 -13.71 40.79 -0.42
N GLY B 39 -14.07 41.62 -1.40
CA GLY B 39 -15.20 42.50 -1.26
C GLY B 39 -16.54 41.85 -1.40
N LYS B 40 -16.57 40.57 -1.76
CA LYS B 40 -17.77 39.76 -1.90
C LYS B 40 -17.82 38.64 -0.88
N MET B 41 -16.81 38.52 -0.03
CA MET B 41 -16.76 37.47 0.98
C MET B 41 -17.07 38.08 2.34
N HIS B 42 -17.51 37.25 3.29
CA HIS B 42 -17.68 37.73 4.66
C HIS B 42 -17.18 36.66 5.62
N THR B 43 -16.42 35.72 5.07
CA THR B 43 -15.76 34.68 5.86
C THR B 43 -14.31 34.66 5.46
N SER B 44 -13.49 34.04 6.31
CA SER B 44 -12.05 33.99 6.06
C SER B 44 -11.58 32.54 6.07
N PRO B 45 -11.91 31.76 5.03
CA PRO B 45 -11.44 30.36 4.98
C PRO B 45 -9.93 30.23 4.86
N GLU B 46 -9.37 29.17 5.46
CA GLU B 46 -7.95 28.91 5.26
C GLU B 46 -7.71 27.64 4.47
N THR B 47 -8.77 26.90 4.16
CA THR B 47 -8.67 25.69 3.31
C THR B 47 -9.58 25.83 2.11
N ALA B 48 -9.06 25.46 0.94
CA ALA B 48 -9.84 25.41 -0.29
C ALA B 48 -9.85 24.00 -0.85
N ILE B 49 -10.94 23.67 -1.56
CA ILE B 49 -11.10 22.36 -2.19
C ILE B 49 -11.42 22.61 -3.67
N ILE B 50 -10.70 21.92 -4.55
CA ILE B 50 -11.03 21.96 -5.99
C ILE B 50 -11.76 20.67 -6.33
N LEU B 51 -13.00 20.82 -6.80
CA LEU B 51 -13.86 19.67 -7.09
C LEU B 51 -13.85 19.39 -8.60
N GLY B 52 -13.37 18.17 -8.97
CA GLY B 52 -13.30 17.75 -10.37
C GLY B 52 -14.57 17.13 -10.88
N THR B 53 -14.44 16.33 -11.96
CA THR B 53 -15.62 15.86 -12.71
C THR B 53 -16.50 14.97 -11.86
N GLY B 54 -17.80 15.34 -11.78
CA GLY B 54 -18.70 14.50 -11.04
C GLY B 54 -18.63 14.65 -9.54
N LEU B 55 -17.79 15.56 -9.04
CA LEU B 55 -17.50 15.61 -7.61
C LEU B 55 -18.10 16.85 -6.98
N GLY B 56 -18.87 17.63 -7.76
CA GLY B 56 -19.40 18.88 -7.26
C GLY B 56 -20.36 18.71 -6.10
N SER B 57 -20.94 17.53 -5.92
CA SER B 57 -21.92 17.43 -4.83
C SER B 57 -21.29 17.41 -3.43
N LEU B 58 -19.96 17.41 -3.30
CA LEU B 58 -19.38 17.73 -2.01
C LEU B 58 -20.00 19.02 -1.46
N ALA B 59 -20.28 19.98 -2.35
CA ALA B 59 -20.85 21.26 -1.91
C ALA B 59 -22.19 21.10 -1.20
N ASN B 60 -22.94 20.05 -1.45
CA ASN B 60 -24.17 19.90 -0.70
C ASN B 60 -23.93 19.65 0.79
N GLU B 61 -22.69 19.36 1.20
CA GLU B 61 -22.39 19.17 2.62
C GLU B 61 -21.89 20.42 3.29
N ILE B 62 -21.67 21.47 2.54
CA ILE B 62 -21.27 22.76 3.09
C ILE B 62 -22.49 23.45 3.66
N THR B 63 -22.35 24.00 4.86
CA THR B 63 -23.45 24.72 5.47
C THR B 63 -23.16 26.21 5.46
N GLU B 64 -24.21 26.99 5.74
CA GLU B 64 -24.14 28.45 5.66
C GLU B 64 -23.56 28.91 4.34
N LYS B 65 -24.00 28.28 3.24
CA LYS B 65 -23.39 28.44 1.92
C LYS B 65 -23.71 29.82 1.32
N TYR B 66 -22.74 30.38 0.61
CA TYR B 66 -23.00 31.46 -0.36
C TYR B 66 -22.04 31.21 -1.53
N GLU B 67 -22.38 31.78 -2.70
CA GLU B 67 -21.68 31.39 -3.91
C GLU B 67 -21.39 32.63 -4.75
N ILE B 68 -20.36 32.51 -5.58
CA ILE B 68 -20.02 33.52 -6.60
C ILE B 68 -19.70 32.75 -7.89
N LYS B 69 -20.49 32.97 -8.94
CA LYS B 69 -20.20 32.20 -10.13
C LYS B 69 -18.98 32.75 -10.86
N TYR B 70 -18.26 31.86 -11.54
CA TYR B 70 -16.99 32.27 -12.15
C TYR B 70 -17.16 33.41 -13.14
N GLU B 71 -18.26 33.45 -13.88
CA GLU B 71 -18.48 34.52 -14.84
C GLU B 71 -18.45 35.92 -14.21
N ASP B 72 -18.76 36.03 -12.92
CA ASP B 72 -18.79 37.32 -12.27
C ASP B 72 -17.40 37.79 -11.90
N ILE B 73 -16.41 36.90 -11.89
CA ILE B 73 -15.12 37.19 -11.25
C ILE B 73 -14.16 37.76 -12.29
N PRO B 74 -13.62 38.96 -12.09
CA PRO B 74 -12.64 39.50 -13.03
C PRO B 74 -11.51 38.52 -13.26
N ASN B 75 -11.11 38.41 -14.53
CA ASN B 75 -9.96 37.66 -14.99
C ASN B 75 -10.13 36.16 -14.82
N PHE B 76 -11.32 35.69 -14.46
CA PHE B 76 -11.36 34.27 -14.12
C PHE B 76 -11.73 33.50 -15.38
N PRO B 77 -11.12 32.35 -15.63
CA PRO B 77 -11.65 31.48 -16.67
C PRO B 77 -13.06 31.01 -16.32
N VAL B 78 -13.71 30.39 -17.28
CA VAL B 78 -15.06 29.86 -17.03
C VAL B 78 -15.02 28.35 -17.31
N SER B 79 -15.81 27.60 -16.58
CA SER B 79 -15.87 26.15 -16.81
C SER B 79 -16.71 25.81 -18.02
N THR B 80 -16.15 25.03 -18.96
CA THR B 80 -16.88 24.68 -20.18
C THR B 80 -17.18 23.20 -20.25
N VAL B 81 -16.75 22.40 -19.29
CA VAL B 81 -16.88 20.94 -19.30
C VAL B 81 -18.13 20.51 -18.57
N GLU B 82 -18.83 19.54 -19.13
CA GLU B 82 -20.04 19.02 -18.49
C GLU B 82 -19.70 18.43 -17.13
N GLY B 83 -20.51 18.75 -16.10
CA GLY B 83 -20.19 18.26 -14.75
C GLY B 83 -19.33 19.23 -13.94
N HIS B 84 -18.99 20.40 -14.51
CA HIS B 84 -18.24 21.45 -13.80
C HIS B 84 -19.18 22.63 -13.69
N SER B 85 -19.70 22.89 -12.47
CA SER B 85 -20.75 23.90 -12.34
C SER B 85 -20.24 25.32 -12.58
N GLY B 86 -19.01 25.60 -12.23
CA GLY B 86 -18.41 26.89 -12.49
C GLY B 86 -18.76 27.91 -11.42
N LYS B 87 -18.66 27.54 -10.13
CA LYS B 87 -18.96 28.49 -9.06
C LYS B 87 -18.02 28.31 -7.89
N LEU B 88 -17.73 29.44 -7.21
CA LEU B 88 -16.98 29.37 -5.94
C LEU B 88 -18.01 29.30 -4.88
N ILE B 89 -17.84 28.33 -3.96
CA ILE B 89 -18.78 28.13 -2.87
C ILE B 89 -18.04 28.43 -1.58
N PHE B 90 -18.64 29.18 -0.69
CA PHE B 90 -18.07 29.42 0.63
C PHE B 90 -19.03 28.92 1.69
N GLY B 91 -18.47 28.52 2.83
CA GLY B 91 -19.33 28.08 3.91
C GLY B 91 -18.51 27.17 4.80
N LYS B 92 -19.20 26.46 5.70
CA LYS B 92 -18.53 25.57 6.66
C LYS B 92 -18.64 24.13 6.19
N LEU B 93 -17.52 23.41 6.24
CA LEU B 93 -17.47 21.95 6.05
C LEU B 93 -17.04 21.37 7.38
N GLY B 94 -17.94 20.61 8.00
CA GLY B 94 -17.88 20.48 9.43
C GLY B 94 -17.99 21.84 10.09
N ASN B 95 -16.99 22.14 10.91
CA ASN B 95 -17.02 23.33 11.74
C ASN B 95 -16.01 24.36 11.27
N LYS B 96 -15.46 24.21 10.05
CA LYS B 96 -14.39 25.09 9.59
C LYS B 96 -14.87 25.79 8.33
N GLU B 97 -14.57 27.10 8.21
CA GLU B 97 -14.80 27.83 6.96
C GLU B 97 -13.91 27.33 5.84
N ILE B 98 -14.52 27.09 4.68
CA ILE B 98 -13.78 26.68 3.50
C ILE B 98 -14.24 27.44 2.27
N MET B 99 -13.46 27.29 1.19
CA MET B 99 -13.93 27.73 -0.13
C MET B 99 -13.75 26.57 -1.06
N ALA B 100 -14.74 26.34 -1.92
CA ALA B 100 -14.63 25.25 -2.88
C ALA B 100 -14.76 25.83 -4.28
N MET B 101 -13.97 25.28 -5.18
CA MET B 101 -14.05 25.56 -6.61
C MET B 101 -14.97 24.43 -7.10
N GLN B 102 -16.25 24.73 -7.34
CA GLN B 102 -17.18 23.71 -7.83
C GLN B 102 -17.00 23.73 -9.34
N GLY B 103 -16.06 22.89 -9.80
CA GLY B 103 -15.65 22.81 -11.19
C GLY B 103 -14.34 23.51 -11.38
N ARG B 104 -13.56 23.03 -12.33
CA ARG B 104 -12.22 23.58 -12.54
C ARG B 104 -11.99 23.82 -14.03
N PHE B 105 -10.74 24.20 -14.34
CA PHE B 105 -10.31 24.58 -15.69
C PHE B 105 -9.27 23.59 -16.15
N HIS B 106 -9.21 23.34 -17.46
CA HIS B 106 -8.29 22.34 -17.99
C HIS B 106 -7.58 22.87 -19.20
N TYR B 107 -6.32 22.49 -19.32
CA TYR B 107 -5.54 22.90 -20.48
C TYR B 107 -6.21 22.51 -21.81
N TYR B 108 -6.91 21.38 -21.87
CA TYR B 108 -7.55 20.98 -23.14
C TYR B 108 -8.66 21.91 -23.54
N GLU B 109 -9.16 22.74 -22.59
CA GLU B 109 -10.23 23.66 -23.00
C GLU B 109 -9.69 24.83 -23.81
N GLY B 110 -8.37 24.96 -23.87
CA GLY B 110 -7.82 26.10 -24.57
C GLY B 110 -7.22 27.11 -23.64
N TYR B 111 -7.26 26.86 -22.34
CA TYR B 111 -6.66 27.76 -21.35
C TYR B 111 -5.16 27.54 -21.23
N SER B 112 -4.40 28.62 -21.14
CA SER B 112 -2.98 28.47 -20.83
C SER B 112 -2.80 27.97 -19.42
N MET B 113 -1.59 27.52 -19.12
CA MET B 113 -1.41 27.04 -17.74
C MET B 113 -1.43 28.16 -16.73
N LYS B 114 -1.08 29.37 -17.14
CA LYS B 114 -1.22 30.45 -16.20
C LYS B 114 -2.68 30.79 -15.98
N GLU B 115 -3.56 30.52 -16.96
CA GLU B 115 -4.99 30.72 -16.71
C GLU B 115 -5.56 29.59 -15.86
N VAL B 116 -5.18 28.35 -16.16
CA VAL B 116 -5.66 27.22 -15.38
C VAL B 116 -5.33 27.37 -13.92
N THR B 117 -4.15 27.91 -13.60
CA THR B 117 -3.69 27.96 -12.21
C THR B 117 -3.88 29.33 -11.58
N PHE B 118 -4.45 30.28 -12.32
CA PHE B 118 -4.72 31.61 -11.76
C PHE B 118 -5.51 31.55 -10.45
N PRO B 119 -6.51 30.71 -10.29
CA PRO B 119 -7.22 30.66 -9.01
C PRO B 119 -6.31 30.31 -7.85
N VAL B 120 -5.29 29.49 -8.05
CA VAL B 120 -4.41 29.19 -6.90
C VAL B 120 -3.61 30.44 -6.49
N ARG B 121 -3.15 31.24 -7.47
CA ARG B 121 -2.48 32.50 -7.14
C ARG B 121 -3.39 33.42 -6.36
N VAL B 122 -4.68 33.42 -6.72
CA VAL B 122 -5.62 34.28 -6.02
C VAL B 122 -5.86 33.71 -4.63
N MET B 123 -5.95 32.38 -4.54
CA MET B 123 -6.17 31.78 -3.23
C MET B 123 -5.07 32.16 -2.25
N ARG B 124 -3.82 32.18 -2.73
CA ARG B 124 -2.73 32.58 -1.84
C ARG B 124 -2.99 33.96 -1.24
N GLU B 125 -3.36 34.95 -2.09
CA GLU B 125 -3.65 36.27 -1.55
C GLU B 125 -4.86 36.32 -0.64
N LEU B 126 -5.85 35.44 -0.83
CA LEU B 126 -7.02 35.46 0.06
C LEU B 126 -6.75 34.81 1.42
N GLY B 127 -5.60 34.16 1.60
CA GLY B 127 -5.26 33.57 2.89
C GLY B 127 -5.39 32.06 2.93
N ILE B 128 -5.50 31.40 1.78
CA ILE B 128 -5.61 29.94 1.80
C ILE B 128 -4.25 29.36 2.14
N LYS B 129 -4.24 28.44 3.14
CA LYS B 129 -2.99 27.80 3.56
C LYS B 129 -2.94 26.34 3.15
N THR B 130 -4.08 25.73 2.85
CA THR B 130 -4.15 24.32 2.52
C THR B 130 -5.11 24.13 1.35
N LEU B 131 -4.72 23.33 0.36
CA LEU B 131 -5.53 23.06 -0.82
C LEU B 131 -5.77 21.58 -0.94
N PHE B 132 -7.06 21.19 -1.06
CA PHE B 132 -7.43 19.81 -1.37
C PHE B 132 -7.81 19.77 -2.84
N VAL B 133 -7.22 18.84 -3.58
CA VAL B 133 -7.50 18.72 -5.01
C VAL B 133 -8.17 17.38 -5.22
N SER B 134 -9.16 17.35 -6.09
CA SER B 134 -9.85 16.11 -6.38
C SER B 134 -10.03 16.00 -7.88
N ASN B 135 -10.10 14.77 -8.38
CA ASN B 135 -10.32 14.64 -9.81
C ASN B 135 -10.89 13.27 -10.08
N ALA B 136 -11.37 13.10 -11.32
CA ALA B 136 -11.72 11.78 -11.83
C ALA B 136 -10.60 11.32 -12.72
N SER B 137 -10.27 10.03 -12.67
CA SER B 137 -9.13 9.55 -13.41
C SER B 137 -9.38 8.16 -13.97
N GLY B 138 -8.52 7.77 -14.91
CA GLY B 138 -8.50 6.40 -15.42
C GLY B 138 -7.43 5.62 -14.66
N GLY B 139 -7.80 4.42 -14.18
CA GLY B 139 -6.85 3.63 -13.38
C GLY B 139 -5.96 2.82 -14.29
N THR B 140 -4.64 2.88 -14.05
CA THR B 140 -3.70 2.03 -14.78
C THR B 140 -3.11 0.95 -13.89
N ASN B 141 -3.26 1.06 -12.57
CA ASN B 141 -2.80 0.00 -11.67
C ASN B 141 -3.79 -1.16 -11.73
N PRO B 142 -3.36 -2.37 -12.10
CA PRO B 142 -4.35 -3.42 -12.36
C PRO B 142 -5.11 -3.86 -11.12
N GLU B 143 -4.66 -3.45 -9.93
CA GLU B 143 -5.40 -3.73 -8.71
C GLU B 143 -6.61 -2.83 -8.50
N PHE B 144 -6.72 -1.74 -9.27
CA PHE B 144 -7.76 -0.74 -9.06
C PHE B 144 -9.07 -1.16 -9.70
N GLU B 145 -10.15 -0.69 -9.11
CA GLU B 145 -11.51 -0.92 -9.62
C GLU B 145 -12.22 0.42 -9.72
N ILE B 146 -13.22 0.50 -10.61
CA ILE B 146 -13.97 1.74 -10.73
C ILE B 146 -14.61 2.04 -9.42
N GLY B 147 -14.51 3.31 -9.00
CA GLY B 147 -15.06 3.74 -7.74
C GLY B 147 -14.04 3.81 -6.64
N ASP B 148 -12.84 3.30 -6.87
CA ASP B 148 -11.79 3.39 -5.85
C ASP B 148 -11.36 4.83 -5.61
N LEU B 149 -11.01 5.16 -4.36
CA LEU B 149 -10.42 6.47 -4.05
C LEU B 149 -8.93 6.32 -3.94
N MET B 150 -8.16 7.08 -4.71
CA MET B 150 -6.72 6.93 -4.61
C MET B 150 -6.14 8.20 -4.01
N ILE B 151 -5.54 8.07 -2.84
CA ILE B 151 -4.83 9.21 -2.29
C ILE B 151 -3.59 9.42 -3.12
N ILE B 152 -3.36 10.67 -3.56
CA ILE B 152 -2.23 10.94 -4.47
C ILE B 152 -0.99 11.15 -3.62
N THR B 153 0.01 10.29 -3.84
CA THR B 153 1.20 10.44 -3.03
C THR B 153 2.32 11.12 -3.76
N ASP B 154 2.21 11.23 -5.10
CA ASP B 154 3.16 11.93 -5.96
C ASP B 154 2.53 12.06 -7.32
N HIS B 155 3.16 12.85 -8.18
CA HIS B 155 2.60 12.95 -9.53
C HIS B 155 3.70 13.00 -10.58
N ILE B 156 3.26 12.83 -11.83
CA ILE B 156 4.13 13.04 -12.99
C ILE B 156 3.48 14.10 -13.83
N ASN B 157 4.23 15.12 -14.16
CA ASN B 157 3.76 16.18 -15.05
C ASN B 157 4.07 15.76 -16.47
N TYR B 158 3.03 15.35 -17.21
CA TYR B 158 3.18 14.99 -18.62
C TYR B 158 2.54 16.03 -19.54
N PHE B 159 2.31 17.21 -19.02
CA PHE B 159 1.78 18.29 -19.88
C PHE B 159 2.88 18.96 -20.65
N PRO B 160 2.57 19.51 -21.82
CA PRO B 160 3.59 20.20 -22.61
C PRO B 160 3.90 21.60 -22.16
N GLU B 161 3.11 22.19 -21.29
CA GLU B 161 3.28 23.55 -20.81
C GLU B 161 3.37 23.52 -19.30
N HIS B 162 4.31 24.26 -18.77
CA HIS B 162 4.54 24.28 -17.33
C HIS B 162 4.06 25.61 -16.78
N PRO B 163 3.25 25.66 -15.72
CA PRO B 163 2.71 26.95 -15.25
C PRO B 163 3.76 27.90 -14.73
N LEU B 164 4.98 27.45 -14.43
CA LEU B 164 6.00 28.38 -13.92
C LEU B 164 6.96 28.88 -14.96
N ARG B 165 6.81 28.47 -16.22
CA ARG B 165 7.70 29.04 -17.23
C ARG B 165 7.55 30.54 -17.34
N GLY B 166 8.67 31.25 -17.50
CA GLY B 166 8.69 32.70 -17.64
C GLY B 166 9.28 33.30 -16.40
N LYS B 167 9.13 34.61 -16.25
CA LYS B 167 9.70 35.26 -15.07
C LYS B 167 9.09 34.68 -13.79
N ASN B 168 9.92 34.50 -12.78
CA ASN B 168 9.43 33.90 -11.53
C ASN B 168 8.69 34.95 -10.71
N ILE B 169 7.54 34.58 -10.13
CA ILE B 169 6.88 35.41 -9.11
C ILE B 169 7.68 35.33 -7.81
N PRO B 170 8.28 36.41 -7.30
CA PRO B 170 9.39 36.24 -6.34
C PRO B 170 9.01 35.81 -4.93
N TYR B 171 7.73 35.64 -4.58
CA TYR B 171 7.45 35.06 -3.29
C TYR B 171 7.67 33.55 -3.25
N GLY B 172 7.95 32.91 -4.38
CA GLY B 172 8.37 31.52 -4.30
C GLY B 172 9.66 31.34 -5.06
N PRO B 173 10.19 30.13 -5.02
CA PRO B 173 11.50 29.85 -5.62
C PRO B 173 11.46 29.78 -7.12
N ARG B 174 12.58 30.22 -7.73
CA ARG B 174 12.74 30.01 -9.14
C ARG B 174 12.65 28.54 -9.48
N PHE B 175 13.28 27.71 -8.66
CA PHE B 175 13.34 26.26 -8.88
C PHE B 175 12.74 25.56 -7.67
N PRO B 176 11.44 25.33 -7.65
CA PRO B 176 10.84 24.66 -6.48
C PRO B 176 11.34 23.23 -6.35
N ASP B 177 11.63 22.84 -5.11
CA ASP B 177 11.87 21.44 -4.83
C ASP B 177 10.52 20.72 -4.78
N MET B 178 10.51 19.50 -5.32
CA MET B 178 9.28 18.75 -5.44
C MET B 178 9.44 17.36 -4.82
N SER B 179 10.31 17.24 -3.80
CA SER B 179 10.51 15.91 -3.21
C SER B 179 9.31 15.45 -2.37
N GLU B 180 8.47 16.39 -1.91
CA GLU B 180 7.26 16.11 -1.12
C GLU B 180 6.16 17.08 -1.50
N ALA B 181 5.76 17.01 -2.78
CA ALA B 181 4.75 17.93 -3.30
C ALA B 181 3.41 17.73 -2.64
N TYR B 182 3.11 16.49 -2.22
CA TYR B 182 1.87 16.16 -1.51
C TYR B 182 2.23 15.94 -0.04
N ASP B 183 1.65 16.74 0.85
CA ASP B 183 2.05 16.70 2.26
C ASP B 183 1.97 15.28 2.86
N LYS B 184 3.09 14.78 3.41
CA LYS B 184 3.04 13.44 3.93
C LYS B 184 2.19 13.33 5.19
N GLU B 185 2.19 14.37 6.04
CA GLU B 185 1.40 14.32 7.28
C GLU B 185 -0.10 14.30 6.97
N LEU B 186 -0.54 15.04 5.93
CA LEU B 186 -1.98 14.97 5.58
C LEU B 186 -2.33 13.56 5.06
N ILE B 187 -1.42 12.92 4.33
CA ILE B 187 -1.66 11.55 3.87
C ILE B 187 -1.76 10.59 5.05
N ARG B 188 -0.86 10.70 6.04
CA ARG B 188 -0.98 9.82 7.20
CA ARG B 188 -0.96 9.85 7.23
C ARG B 188 -2.29 10.06 7.94
N LYS B 189 -2.67 11.32 8.10
CA LYS B 189 -3.93 11.60 8.78
C LYS B 189 -5.12 11.08 7.98
N ALA B 190 -5.11 11.23 6.66
CA ALA B 190 -6.24 10.74 5.87
C ALA B 190 -6.33 9.22 5.95
N ASP B 191 -5.17 8.52 5.92
CA ASP B 191 -5.18 7.08 6.15
C ASP B 191 -5.79 6.70 7.48
N ALA B 192 -5.43 7.40 8.53
CA ALA B 192 -5.97 7.07 9.84
C ALA B 192 -7.47 7.28 9.89
N ILE B 193 -7.95 8.39 9.30
CA ILE B 193 -9.39 8.64 9.20
C ILE B 193 -10.07 7.53 8.41
N ALA B 194 -9.48 7.16 7.27
CA ALA B 194 -10.12 6.12 6.47
C ALA B 194 -10.16 4.80 7.22
N ALA B 195 -9.09 4.49 7.94
CA ALA B 195 -9.12 3.23 8.71
C ALA B 195 -10.18 3.24 9.80
N GLU B 196 -10.35 4.40 10.48
CA GLU B 196 -11.35 4.50 11.52
C GLU B 196 -12.76 4.34 10.97
N LYS B 197 -13.02 4.91 9.79
CA LYS B 197 -14.32 4.89 9.13
C LYS B 197 -14.54 3.63 8.30
N GLY B 198 -13.52 2.78 8.14
CA GLY B 198 -13.71 1.62 7.30
C GLY B 198 -13.87 1.97 5.84
N ILE B 199 -13.25 3.05 5.38
CA ILE B 199 -13.32 3.44 3.97
C ILE B 199 -12.05 2.95 3.29
N LYS B 200 -12.20 2.10 2.25
CA LYS B 200 -11.01 1.59 1.56
C LYS B 200 -10.37 2.70 0.74
N VAL B 201 -9.04 2.83 0.82
CA VAL B 201 -8.33 3.82 0.02
C VAL B 201 -7.15 3.16 -0.63
N GLN B 202 -6.86 3.58 -1.86
CA GLN B 202 -5.63 3.25 -2.54
C GLN B 202 -4.69 4.43 -2.38
N HIS B 203 -3.40 4.18 -2.71
CA HIS B 203 -2.36 5.22 -2.72
C HIS B 203 -1.64 5.08 -4.04
N GLY B 204 -1.24 6.18 -4.65
CA GLY B 204 -0.43 6.01 -5.83
C GLY B 204 -0.15 7.31 -6.55
N ILE B 205 0.44 7.13 -7.72
CA ILE B 205 0.99 8.22 -8.55
C ILE B 205 -0.02 8.63 -9.60
N TYR B 206 -0.31 9.92 -9.66
CA TYR B 206 -1.17 10.46 -10.70
C TYR B 206 -0.33 11.05 -11.81
N ILE B 207 -0.66 10.71 -13.06
CA ILE B 207 -0.01 11.38 -14.18
C ILE B 207 -1.01 12.29 -14.86
N GLY B 208 -0.61 13.53 -15.11
CA GLY B 208 -1.48 14.48 -15.81
C GLY B 208 -1.00 14.67 -17.24
N THR B 209 -1.94 14.51 -18.18
CA THR B 209 -1.69 14.63 -19.64
C THR B 209 -2.72 15.54 -20.25
N GLN B 210 -2.41 16.09 -21.44
CA GLN B 210 -3.24 17.23 -21.83
C GLN B 210 -4.64 16.83 -22.27
N GLY B 211 -4.83 15.67 -22.88
CA GLY B 211 -6.15 15.34 -23.45
C GLY B 211 -6.45 16.21 -24.67
N PRO B 212 -7.71 16.25 -25.14
CA PRO B 212 -8.91 15.68 -24.52
C PRO B 212 -9.32 14.28 -24.95
N THR B 213 -8.58 13.61 -25.83
CA THR B 213 -8.95 12.22 -26.11
C THR B 213 -8.65 11.35 -24.90
N PHE B 214 -9.54 10.40 -24.63
CA PHE B 214 -9.14 9.37 -23.70
C PHE B 214 -8.00 8.58 -24.36
N GLU B 215 -7.24 7.91 -23.53
CA GLU B 215 -6.02 7.29 -24.03
C GLU B 215 -6.31 6.10 -24.95
N THR B 216 -5.40 5.88 -25.91
CA THR B 216 -5.42 4.60 -26.62
C THR B 216 -4.93 3.50 -25.69
N PRO B 217 -5.18 2.22 -26.02
CA PRO B 217 -4.61 1.17 -25.17
C PRO B 217 -3.10 1.29 -25.06
N ALA B 218 -2.42 1.65 -26.17
CA ALA B 218 -0.97 1.78 -26.09
C ALA B 218 -0.53 2.95 -25.20
N GLU B 219 -1.30 4.02 -25.17
CA GLU B 219 -0.99 5.14 -24.29
C GLU B 219 -1.22 4.76 -22.86
N TYR B 220 -2.33 4.07 -22.55
CA TYR B 220 -2.49 3.63 -21.16
C TYR B 220 -1.33 2.75 -20.76
N LYS B 221 -0.89 1.86 -21.67
CA LYS B 221 0.22 0.98 -21.31
C LYS B 221 1.48 1.81 -21.08
N LEU B 222 1.73 2.82 -21.95
CA LEU B 222 2.87 3.72 -21.77
C LEU B 222 2.84 4.32 -20.36
N PHE B 223 1.69 4.79 -19.94
CA PHE B 223 1.63 5.46 -18.62
C PHE B 223 1.88 4.45 -17.49
N HIS B 224 1.42 3.19 -17.63
CA HIS B 224 1.77 2.15 -16.67
C HIS B 224 3.27 1.92 -16.63
N ILE B 225 3.89 1.82 -17.83
CA ILE B 225 5.34 1.67 -17.91
C ILE B 225 6.06 2.78 -17.16
N LEU B 226 5.60 4.02 -17.30
CA LEU B 226 6.30 5.16 -16.70
C LEU B 226 6.08 5.23 -15.20
N GLY B 227 5.23 4.38 -14.65
CA GLY B 227 5.03 4.30 -13.20
C GLY B 227 3.79 4.98 -12.66
N ALA B 228 2.84 5.35 -13.51
CA ALA B 228 1.61 5.95 -13.04
C ALA B 228 0.59 4.91 -12.62
N ASP B 229 -0.17 5.26 -11.60
CA ASP B 229 -1.30 4.44 -11.17
C ASP B 229 -2.64 4.96 -11.64
N ALA B 230 -2.72 6.24 -11.99
CA ALA B 230 -3.98 6.79 -12.46
C ALA B 230 -3.61 7.93 -13.39
N VAL B 231 -4.46 8.17 -14.40
CA VAL B 231 -4.18 9.21 -15.39
CA VAL B 231 -4.22 9.13 -15.49
C VAL B 231 -5.38 10.11 -15.53
N GLY B 232 -5.10 11.42 -15.65
CA GLY B 232 -6.15 12.39 -15.91
C GLY B 232 -5.55 13.60 -16.60
N MET B 233 -6.39 14.61 -16.81
CA MET B 233 -6.06 15.78 -17.64
C MET B 233 -6.05 17.04 -16.80
N SER B 234 -5.84 16.92 -15.49
CA SER B 234 -5.90 18.11 -14.60
C SER B 234 -4.85 18.01 -13.49
N THR B 235 -5.02 18.84 -12.42
CA THR B 235 -4.48 18.63 -11.06
C THR B 235 -3.01 18.97 -10.92
N VAL B 236 -2.18 18.36 -11.76
CA VAL B 236 -0.73 18.62 -11.68
C VAL B 236 -0.42 20.12 -11.72
N PRO B 237 -0.92 20.88 -12.69
CA PRO B 237 -0.53 22.32 -12.70
C PRO B 237 -0.91 23.08 -11.41
N GLU B 238 -2.13 22.81 -10.88
CA GLU B 238 -2.54 23.47 -9.64
C GLU B 238 -1.65 23.06 -8.47
N VAL B 239 -1.21 21.80 -8.44
CA VAL B 239 -0.35 21.34 -7.36
C VAL B 239 1.02 22.00 -7.46
N ILE B 240 1.53 22.12 -8.68
CA ILE B 240 2.80 22.82 -8.88
C ILE B 240 2.68 24.24 -8.35
N VAL B 241 1.61 24.95 -8.75
CA VAL B 241 1.53 26.35 -8.32
C VAL B 241 1.30 26.46 -6.84
N ALA B 242 0.47 25.59 -6.25
CA ALA B 242 0.30 25.62 -4.79
C ALA B 242 1.64 25.41 -4.10
N ASN B 243 2.47 24.51 -4.62
CA ASN B 243 3.78 24.32 -4.00
C ASN B 243 4.63 25.59 -4.09
N HIS B 244 4.66 26.23 -5.26
CA HIS B 244 5.35 27.50 -5.40
C HIS B 244 4.83 28.52 -4.41
N CYS B 245 3.52 28.54 -4.20
CA CYS B 245 2.87 29.50 -3.29
C CYS B 245 3.04 29.18 -1.82
N GLY B 246 3.59 28.02 -1.46
CA GLY B 246 3.67 27.64 -0.06
C GLY B 246 2.37 27.13 0.52
N ILE B 247 1.46 26.68 -0.32
CA ILE B 247 0.17 26.13 0.12
C ILE B 247 0.30 24.59 0.22
N LYS B 248 -0.10 24.03 1.37
CA LYS B 248 0.04 22.60 1.59
C LYS B 248 -1.04 21.88 0.75
N VAL B 249 -0.70 20.75 0.15
CA VAL B 249 -1.58 20.04 -0.79
C VAL B 249 -1.92 18.63 -0.31
N PHE B 250 -3.20 18.27 -0.45
CA PHE B 250 -3.67 16.88 -0.34
C PHE B 250 -4.55 16.61 -1.55
N GLY B 251 -4.45 15.40 -2.09
CA GLY B 251 -5.23 15.10 -3.30
C GLY B 251 -5.84 13.73 -3.27
N ILE B 252 -7.08 13.62 -3.77
CA ILE B 252 -7.71 12.31 -4.00
C ILE B 252 -8.15 12.21 -5.45
N SER B 253 -7.78 11.11 -6.10
CA SER B 253 -8.22 10.76 -7.44
C SER B 253 -9.28 9.68 -7.36
N VAL B 254 -10.42 9.89 -8.00
CA VAL B 254 -11.47 8.87 -8.01
C VAL B 254 -11.33 8.08 -9.31
N VAL B 255 -11.10 6.76 -9.22
CA VAL B 255 -10.92 5.95 -10.43
C VAL B 255 -12.29 5.76 -11.07
N THR B 256 -12.48 6.28 -12.28
CA THR B 256 -13.82 6.24 -12.89
C THR B 256 -13.85 5.32 -14.10
N ASP B 257 -12.70 4.82 -14.53
CA ASP B 257 -12.66 3.90 -15.66
C ASP B 257 -11.30 3.22 -15.63
N LEU B 258 -11.19 2.07 -16.29
CA LEU B 258 -9.93 1.34 -16.22
C LEU B 258 -9.14 1.48 -17.50
N GLY B 259 -7.86 1.85 -17.38
CA GLY B 259 -6.99 1.75 -18.53
C GLY B 259 -5.95 0.68 -18.31
N VAL B 260 -6.43 -0.52 -18.02
CA VAL B 260 -5.63 -1.68 -17.66
C VAL B 260 -5.60 -2.61 -18.85
N GLU B 261 -4.40 -3.03 -19.23
CA GLU B 261 -4.23 -3.86 -20.41
C GLU B 261 -5.11 -5.12 -20.28
N GLY B 262 -5.89 -5.41 -21.31
CA GLY B 262 -6.75 -6.58 -21.34
C GLY B 262 -8.14 -6.36 -20.76
N LYS B 263 -8.39 -5.18 -20.18
CA LYS B 263 -9.65 -4.86 -19.51
C LYS B 263 -10.22 -3.60 -20.08
N ILE B 264 -9.66 -3.11 -21.16
CA ILE B 264 -10.13 -1.80 -21.66
C ILE B 264 -11.44 -1.94 -22.42
N VAL B 265 -12.38 -1.02 -22.12
CA VAL B 265 -13.68 -0.96 -22.80
C VAL B 265 -13.87 0.49 -23.23
N GLU B 266 -14.86 0.73 -24.07
CA GLU B 266 -15.19 2.11 -24.43
C GLU B 266 -15.60 2.88 -23.18
N VAL B 267 -15.18 4.14 -23.11
CA VAL B 267 -15.47 4.96 -21.94
C VAL B 267 -16.15 6.23 -22.44
N SER B 268 -16.96 6.84 -21.59
CA SER B 268 -17.58 8.09 -21.95
C SER B 268 -17.53 9.00 -20.75
N HIS B 269 -17.50 10.30 -21.03
CA HIS B 269 -17.53 11.30 -19.98
C HIS B 269 -18.83 11.24 -19.16
N GLU B 270 -19.96 10.87 -19.77
CA GLU B 270 -21.20 10.72 -18.99
C GLU B 270 -21.04 9.61 -17.96
N GLU B 271 -20.44 8.48 -18.35
CA GLU B 271 -20.28 7.40 -17.37
C GLU B 271 -19.23 7.78 -16.34
N VAL B 272 -18.20 8.52 -16.75
CA VAL B 272 -17.21 9.00 -15.78
C VAL B 272 -17.88 9.85 -14.70
N GLN B 273 -18.74 10.78 -15.11
CA GLN B 273 -19.43 11.61 -14.14
C GLN B 273 -20.24 10.77 -13.16
N LYS B 274 -20.94 9.75 -13.67
CA LYS B 274 -21.78 8.92 -12.80
C LYS B 274 -20.92 8.18 -11.78
N ALA B 275 -19.77 7.66 -12.23
CA ALA B 275 -18.91 6.90 -11.32
C ALA B 275 -18.31 7.80 -10.25
N ALA B 276 -17.92 9.02 -10.64
CA ALA B 276 -17.36 9.96 -9.66
C ALA B 276 -18.43 10.37 -8.66
N ASP B 277 -19.65 10.62 -9.14
CA ASP B 277 -20.71 11.05 -8.22
C ASP B 277 -21.00 9.97 -7.18
N ALA B 278 -20.96 8.71 -7.61
CA ALA B 278 -21.25 7.63 -6.66
C ALA B 278 -20.17 7.53 -5.59
N ALA B 279 -18.93 7.92 -5.90
CA ALA B 279 -17.85 7.81 -4.92
C ALA B 279 -17.74 9.05 -4.04
N GLN B 280 -18.36 10.15 -4.45
CA GLN B 280 -18.18 11.41 -3.76
C GLN B 280 -18.46 11.34 -2.27
N PRO B 281 -19.54 10.72 -1.79
CA PRO B 281 -19.79 10.74 -0.32
C PRO B 281 -18.63 10.22 0.50
N LYS B 282 -17.94 9.16 0.07
CA LYS B 282 -16.82 8.68 0.87
C LYS B 282 -15.64 9.64 0.79
N MET B 283 -15.37 10.20 -0.39
CA MET B 283 -14.32 11.21 -0.50
C MET B 283 -14.61 12.37 0.46
N THR B 284 -15.86 12.83 0.47
CA THR B 284 -16.22 13.98 1.30
C THR B 284 -16.08 13.67 2.80
N THR B 285 -16.47 12.47 3.22
CA THR B 285 -16.21 12.09 4.60
C THR B 285 -14.73 12.25 4.98
N ILE B 286 -13.81 11.69 4.16
CA ILE B 286 -12.39 11.84 4.49
C ILE B 286 -11.98 13.32 4.55
N MET B 287 -12.37 14.10 3.53
CA MET B 287 -11.98 15.52 3.49
C MET B 287 -12.56 16.30 4.67
N ARG B 288 -13.85 16.08 4.98
CA ARG B 288 -14.46 16.80 6.10
C ARG B 288 -13.73 16.49 7.40
N GLU B 289 -13.41 15.20 7.61
CA GLU B 289 -12.73 14.84 8.84
C GLU B 289 -11.32 15.41 8.90
N LEU B 290 -10.61 15.44 7.74
CA LEU B 290 -9.27 16.01 7.73
CA LEU B 290 -9.28 16.03 7.73
C LEU B 290 -9.32 17.48 8.13
N ILE B 291 -10.29 18.21 7.59
CA ILE B 291 -10.45 19.63 7.94
C ILE B 291 -10.86 19.81 9.41
N ASN B 292 -11.72 18.95 9.94
CA ASN B 292 -12.20 19.21 11.30
C ASN B 292 -11.34 18.67 12.40
N ARG B 293 -10.53 17.68 12.14
CA ARG B 293 -9.67 17.20 13.22
C ARG B 293 -8.41 18.03 13.35
N ALA B 294 -8.12 18.90 12.37
CA ALA B 294 -7.06 19.91 12.44
C ALA B 294 -7.50 21.22 13.14
O5' IMH C . 20.58 -13.49 7.43
C5' IMH C . 20.50 -14.58 6.53
C4' IMH C . 19.18 -15.37 6.82
N4' IMH C . 17.99 -14.37 6.99
C3' IMH C . 18.78 -16.29 5.81
O3' IMH C . 18.10 -17.47 6.36
C2' IMH C . 17.77 -15.43 4.84
O2' IMH C . 16.59 -16.22 4.55
C1' IMH C . 17.41 -14.24 5.52
C9 IMH C . 17.92 -12.91 4.93
C8 IMH C . 18.03 -11.63 5.59
N7 IMH C . 18.44 -10.70 4.70
C5 IMH C . 18.56 -11.35 3.50
C6 IMH C . 18.96 -10.85 2.20
O6 IMH C . 19.31 -9.55 2.05
N1 IMH C . 19.00 -11.69 1.19
C2 IMH C . 18.64 -12.99 1.34
N3 IMH C . 18.23 -13.50 2.50
C4 IMH C . 18.23 -12.67 3.58
S SO4 D . 14.86 -16.50 7.81
O1 SO4 D . 14.61 -17.87 8.31
O2 SO4 D . 16.29 -16.21 7.94
O3 SO4 D . 14.46 -16.51 6.38
O4 SO4 D . 14.08 -15.58 8.65
O5' IMH E . -13.93 12.40 -18.25
C5' IMH E . -12.98 13.31 -18.77
C4' IMH E . -12.55 14.33 -17.67
N4' IMH E . -12.25 13.51 -16.38
C3' IMH E . -11.31 14.94 -17.90
O3' IMH E . -11.26 16.34 -17.46
C2' IMH E . -10.10 14.07 -17.23
O2' IMH E . -9.17 14.95 -16.56
C1' IMH E . -10.73 13.13 -16.33
C9 IMH E . -10.63 11.66 -16.74
C8 IMH E . -11.41 10.60 -16.28
N7 IMH E . -10.98 9.43 -16.78
C5 IMH E . -9.88 9.73 -17.55
C6 IMH E . -9.02 8.88 -18.33
O6 IMH E . -9.21 7.55 -18.42
N1 IMH E . -8.01 9.42 -19.00
C2 IMH E . -7.82 10.75 -18.91
N3 IMH E . -8.58 11.61 -18.20
C4 IMH E . -9.62 11.06 -17.51
S SO4 F . -11.20 16.24 -13.77
O1 SO4 F . -9.76 15.93 -14.07
O2 SO4 F . -11.73 15.67 -12.52
O3 SO4 F . -12.10 15.84 -14.88
O4 SO4 F . -11.32 17.74 -13.64
#